data_3BC1
#
_entry.id   3BC1
#
_cell.length_a   53.505
_cell.length_b   77.777
_cell.length_c   115.011
_cell.angle_alpha   90.00
_cell.angle_beta   90.00
_cell.angle_gamma   90.00
#
_symmetry.space_group_name_H-M   'P 21 21 21'
#
loop_
_entity.id
_entity.type
_entity.pdbx_description
1 polymer 'Ras-related protein Rab-27A'
2 polymer 'Synaptotagmin-like protein 2'
3 non-polymer 'PHOSPHOAMINOPHOSPHONIC ACID-GUANYLATE ESTER'
4 non-polymer 'MAGNESIUM ION'
5 water water
#
loop_
_entity_poly.entity_id
_entity_poly.type
_entity_poly.pdbx_seq_one_letter_code
_entity_poly.pdbx_strand_id
1 'polypeptide(L)'
;GSMSDGDYDYLIKFLALGDSGVGKTSVLYQYTDGKFNSKFITTVGIDFREKRVVYRANGPDGAVGRGQRIHLQLWDTAGL
ERFRSLTTAFFRDAMGFLLLFDLTNEQSFLNVRNWISQLQMHAYSENPDIVLCGNKSDLEDQRAVKEEEARELAEKYGIP
YFETSAANGTNISHAIEMLLDLIMKRMERSVDKSW
;
A,E
2 'polypeptide(L)' GSPEFEEQEAIMKVLQRDAALKRAEEERVRHLPEKIKDDQQLKNMSGQWFYEAKAKRHA B,F
#
loop_
_chem_comp.id
_chem_comp.type
_chem_comp.name
_chem_comp.formula
GNP non-polymer 'PHOSPHOAMINOPHOSPHONIC ACID-GUANYLATE ESTER' 'C10 H17 N6 O13 P3'
MG non-polymer 'MAGNESIUM ION' 'Mg 2'
#
# COMPACT_ATOMS: atom_id res chain seq x y z
N GLY A 6 19.17 6.10 11.45
CA GLY A 6 17.91 5.98 12.23
C GLY A 6 17.81 6.95 13.41
N ASP A 7 18.51 8.08 13.31
CA ASP A 7 18.51 9.08 14.38
C ASP A 7 17.30 10.01 14.31
N TYR A 8 16.12 9.43 14.48
CA TYR A 8 14.87 10.19 14.53
C TYR A 8 13.82 9.45 15.34
N ASP A 9 12.69 10.11 15.58
CA ASP A 9 11.68 9.62 16.52
C ASP A 9 10.39 9.13 15.87
N TYR A 10 9.98 9.77 14.77
CA TYR A 10 8.74 9.40 14.05
C TYR A 10 8.95 9.43 12.54
N LEU A 11 8.45 8.40 11.85
CA LEU A 11 8.34 8.44 10.39
C LEU A 11 6.91 8.86 10.08
N ILE A 12 6.78 10.01 9.42
CA ILE A 12 5.47 10.54 9.03
C ILE A 12 5.39 10.52 7.50
N LYS A 13 4.30 9.96 6.99
CA LYS A 13 4.12 9.80 5.54
C LYS A 13 2.98 10.68 5.03
N PHE A 14 3.30 11.55 4.08
CA PHE A 14 2.28 12.37 3.42
C PHE A 14 2.22 12.06 1.93
N LEU A 15 1.11 12.44 1.29
CA LEU A 15 0.96 12.27 -0.15
C LEU A 15 0.41 13.51 -0.84
N ALA A 16 1.08 13.90 -1.93
CA ALA A 16 0.64 14.99 -2.78
C ALA A 16 -0.19 14.47 -3.96
N LEU A 17 -1.34 15.09 -4.19
CA LEU A 17 -2.22 14.73 -5.30
C LEU A 17 -2.85 15.96 -5.96
N GLY A 18 -3.43 15.75 -7.14
CA GLY A 18 -3.95 16.83 -7.96
C GLY A 18 -3.73 16.53 -9.42
N ASP A 19 -4.32 17.36 -10.29
CA ASP A 19 -4.25 17.15 -11.73
C ASP A 19 -2.81 17.20 -12.24
N SER A 20 -2.57 16.60 -13.40
CA SER A 20 -1.27 16.69 -14.06
C SER A 20 -0.94 18.15 -14.33
N GLY A 21 0.30 18.54 -14.00
CA GLY A 21 0.81 19.86 -14.30
C GLY A 21 0.64 20.93 -13.24
N VAL A 22 -0.11 20.64 -12.18
CA VAL A 22 -0.42 21.65 -11.14
C VAL A 22 0.79 22.05 -10.30
N GLY A 23 1.78 21.16 -10.19
CA GLY A 23 3.04 21.47 -9.50
C GLY A 23 3.38 20.61 -8.29
N LYS A 24 2.84 19.38 -8.24
CA LYS A 24 3.06 18.49 -7.09
C LYS A 24 4.54 18.15 -6.91
N THR A 25 5.19 17.77 -8.00
CA THR A 25 6.61 17.43 -7.96
C THR A 25 7.45 18.64 -7.56
N SER A 26 7.17 19.78 -8.19
CA SER A 26 7.90 21.04 -7.94
C SER A 26 7.76 21.50 -6.49
N VAL A 27 6.53 21.45 -5.97
CA VAL A 27 6.27 21.83 -4.59
C VAL A 27 7.14 21.00 -3.65
N LEU A 28 7.11 19.69 -3.82
CA LEU A 28 7.87 18.79 -2.95
C LEU A 28 9.39 18.97 -3.05
N TYR A 29 9.89 19.14 -4.27
CA TYR A 29 11.32 19.34 -4.53
C TYR A 29 11.81 20.66 -3.94
N GLN A 30 10.99 21.71 -4.09
CA GLN A 30 11.31 23.00 -3.48
C GLN A 30 11.42 22.84 -1.97
N TYR A 31 10.48 22.09 -1.37
CA TYR A 31 10.49 21.88 0.08
C TYR A 31 11.70 21.10 0.58
N THR A 32 11.99 19.96 -0.05
CA THR A 32 13.05 19.08 0.42
C THR A 32 14.46 19.57 0.05
N ASP A 33 14.61 20.13 -1.15
CA ASP A 33 15.95 20.50 -1.65
C ASP A 33 16.15 22.01 -1.88
N GLY A 34 15.07 22.80 -1.81
CA GLY A 34 15.19 24.24 -2.09
C GLY A 34 15.55 24.54 -3.53
N LYS A 35 15.13 23.68 -4.46
CA LYS A 35 15.42 23.84 -5.89
C LYS A 35 14.15 23.76 -6.74
N PHE A 36 14.25 24.30 -7.96
CA PHE A 36 13.12 24.34 -8.90
C PHE A 36 13.61 24.16 -10.33
N ASN A 37 12.91 23.32 -11.10
CA ASN A 37 13.19 23.11 -12.53
C ASN A 37 12.01 23.60 -13.38
N SER A 38 12.30 24.49 -14.33
CA SER A 38 11.28 25.09 -15.19
C SER A 38 10.70 24.12 -16.21
N LYS A 39 11.46 23.10 -16.60
CA LYS A 39 11.04 22.15 -17.62
C LYS A 39 10.06 21.15 -17.03
N PHE A 40 8.93 20.95 -17.71
CA PHE A 40 7.92 19.98 -17.28
C PHE A 40 8.41 18.56 -17.51
N ILE A 41 8.73 17.87 -16.41
CA ILE A 41 9.07 16.45 -16.45
C ILE A 41 7.97 15.70 -15.69
N THR A 42 7.01 15.15 -16.45
CA THR A 42 5.84 14.52 -15.86
C THR A 42 6.22 13.25 -15.11
N THR A 43 5.53 13.01 -14.00
CA THR A 43 5.89 11.94 -13.10
C THR A 43 5.43 10.60 -13.66
N VAL A 44 6.34 9.64 -13.64
CA VAL A 44 6.06 8.30 -14.18
C VAL A 44 5.40 7.48 -13.09
N GLY A 45 4.08 7.64 -12.97
CA GLY A 45 3.27 6.89 -12.01
C GLY A 45 3.36 7.42 -10.60
N ILE A 46 4.50 7.19 -9.95
CA ILE A 46 4.66 7.57 -8.56
C ILE A 46 6.13 7.80 -8.23
N ASP A 47 6.37 8.66 -7.24
CA ASP A 47 7.71 8.90 -6.72
C ASP A 47 7.56 9.42 -5.28
N PHE A 48 8.66 9.50 -4.54
CA PHE A 48 8.65 10.15 -3.23
C PHE A 48 9.94 10.88 -2.94
N ARG A 49 9.85 11.83 -2.02
CA ARG A 49 11.01 12.56 -1.52
C ARG A 49 11.02 12.46 0.00
N GLU A 50 12.14 12.83 0.59
CA GLU A 50 12.30 12.74 2.04
C GLU A 50 12.90 14.02 2.62
N LYS A 51 12.60 14.27 3.89
CA LYS A 51 13.19 15.38 4.61
C LYS A 51 13.17 15.13 6.10
N ARG A 52 14.28 15.46 6.74
CA ARG A 52 14.46 15.30 8.18
C ARG A 52 14.19 16.65 8.80
N VAL A 53 13.22 16.72 9.70
CA VAL A 53 12.86 17.98 10.37
C VAL A 53 12.64 17.73 11.86
N VAL A 54 12.57 18.82 12.63
CA VAL A 54 12.31 18.73 14.05
C VAL A 54 11.00 19.47 14.31
N TYR A 55 10.04 18.75 14.87
CA TYR A 55 8.73 19.29 15.18
C TYR A 55 8.73 19.84 16.60
N ARG A 56 8.39 21.12 16.73
CA ARG A 56 8.31 21.79 18.03
C ARG A 56 6.94 22.46 18.15
N ALA A 57 6.02 21.78 18.83
CA ALA A 57 4.63 22.21 18.88
C ALA A 57 4.45 23.58 19.53
N ASN A 58 5.31 23.91 20.51
CA ASN A 58 5.17 25.11 21.33
C ASN A 58 6.22 26.18 21.06
N GLY A 59 6.96 26.05 19.96
CA GLY A 59 7.98 27.05 19.58
C GLY A 59 9.39 26.63 19.94
N PRO A 60 10.34 27.58 19.86
CA PRO A 60 11.74 27.20 20.07
C PRO A 60 12.04 26.76 21.51
N ASP A 61 12.95 25.80 21.65
CA ASP A 61 13.48 25.42 22.96
C ASP A 61 14.80 26.15 23.18
N GLY A 62 15.46 25.87 24.31
CA GLY A 62 16.72 26.52 24.66
C GLY A 62 17.84 25.50 24.87
N ALA A 63 18.29 25.39 26.11
CA ALA A 63 19.40 24.50 26.47
C ALA A 63 19.00 23.02 26.46
N VAL A 64 17.75 22.73 26.80
CA VAL A 64 17.24 21.35 26.80
C VAL A 64 16.43 21.10 25.53
N GLY A 65 16.87 20.12 24.73
CA GLY A 65 16.20 19.78 23.48
C GLY A 65 14.84 19.14 23.69
N ARG A 66 13.79 19.79 23.19
CA ARG A 66 12.40 19.34 23.39
C ARG A 66 11.82 18.70 22.13
N GLY A 67 12.40 19.01 20.98
CA GLY A 67 11.79 18.69 19.70
C GLY A 67 11.67 17.21 19.42
N GLN A 68 10.71 16.87 18.57
CA GLN A 68 10.55 15.51 18.08
C GLN A 68 11.13 15.45 16.68
N ARG A 69 12.09 14.55 16.48
CA ARG A 69 12.77 14.40 15.20
C ARG A 69 11.87 13.61 14.27
N ILE A 70 11.48 14.25 13.16
CA ILE A 70 10.58 13.63 12.20
C ILE A 70 11.33 13.33 10.91
N HIS A 71 11.20 12.09 10.43
CA HIS A 71 11.57 11.78 9.06
C HIS A 71 10.31 11.83 8.20
N LEU A 72 10.25 12.78 7.29
CA LEU A 72 9.12 12.93 6.38
C LEU A 72 9.36 12.10 5.13
N GLN A 73 8.39 11.25 4.78
CA GLN A 73 8.34 10.66 3.45
C GLN A 73 7.18 11.31 2.72
N LEU A 74 7.48 11.99 1.62
CA LEU A 74 6.51 12.79 0.90
C LEU A 74 6.23 12.13 -0.43
N TRP A 75 5.13 11.41 -0.52
CA TRP A 75 4.76 10.70 -1.75
C TRP A 75 4.28 11.66 -2.81
N ASP A 76 4.74 11.41 -4.03
CA ASP A 76 4.50 12.26 -5.16
C ASP A 76 3.78 11.45 -6.23
N THR A 77 2.47 11.68 -6.39
CA THR A 77 1.66 10.90 -7.32
C THR A 77 1.55 11.58 -8.68
N ALA A 78 1.42 10.79 -9.73
CA ALA A 78 1.14 11.32 -11.07
C ALA A 78 -0.34 11.69 -11.19
N GLY A 79 -0.61 12.77 -11.92
CA GLY A 79 -1.96 13.29 -12.11
C GLY A 79 -2.72 12.72 -13.30
N LEU A 80 -1.99 12.20 -14.29
CA LEU A 80 -2.63 11.65 -15.48
C LEU A 80 -3.42 10.38 -15.15
N GLU A 81 -4.59 10.26 -15.77
CA GLU A 81 -5.56 9.21 -15.44
C GLU A 81 -5.06 7.81 -15.77
N ARG A 82 -4.06 7.70 -16.64
CA ARG A 82 -3.44 6.40 -16.93
C ARG A 82 -2.74 5.79 -15.71
N PHE A 83 -2.38 6.64 -14.74
CA PHE A 83 -1.77 6.19 -13.49
C PHE A 83 -2.73 6.23 -12.30
N ARG A 84 -4.02 6.40 -12.55
CA ARG A 84 -4.96 6.68 -11.47
C ARG A 84 -5.14 5.50 -10.51
N SER A 85 -5.14 4.28 -11.03
CA SER A 85 -5.29 3.10 -10.18
C SER A 85 -4.05 2.91 -9.30
N LEU A 86 -2.87 3.09 -9.87
CA LEU A 86 -1.63 3.03 -9.10
C LEU A 86 -1.62 4.07 -7.98
N THR A 87 -1.92 5.32 -8.32
CA THR A 87 -1.85 6.40 -7.33
C THR A 87 -2.94 6.24 -6.26
N THR A 88 -4.14 5.79 -6.66
CA THR A 88 -5.20 5.55 -5.68
C THR A 88 -4.81 4.46 -4.68
N ALA A 89 -4.14 3.41 -5.17
CA ALA A 89 -3.63 2.35 -4.31
C ALA A 89 -2.79 2.90 -3.17
N PHE A 90 -2.13 4.03 -3.38
CA PHE A 90 -1.22 4.60 -2.38
C PHE A 90 -1.90 5.59 -1.42
N PHE A 91 -3.16 5.95 -1.68
CA PHE A 91 -3.92 6.82 -0.77
C PHE A 91 -4.13 6.21 0.62
N ARG A 92 -4.34 4.90 0.72
CA ARG A 92 -4.69 4.32 2.02
C ARG A 92 -3.55 4.34 3.04
N ASP A 93 -2.29 4.37 2.59
CA ASP A 93 -1.16 4.34 3.52
C ASP A 93 -0.62 5.72 3.92
N ALA A 94 -1.20 6.79 3.37
CA ALA A 94 -0.77 8.16 3.70
C ALA A 94 -1.46 8.68 4.97
N MET A 95 -0.70 9.35 5.83
CA MET A 95 -1.23 9.91 7.08
C MET A 95 -1.92 11.27 6.90
N GLY A 96 -1.63 11.93 5.79
CA GLY A 96 -2.20 13.24 5.51
C GLY A 96 -1.96 13.56 4.06
N PHE A 97 -2.71 14.52 3.53
CA PHE A 97 -2.66 14.82 2.10
C PHE A 97 -2.38 16.28 1.80
N LEU A 98 -1.52 16.50 0.81
CA LEU A 98 -1.30 17.83 0.24
C LEU A 98 -2.03 17.85 -1.10
N LEU A 99 -3.20 18.47 -1.12
CA LEU A 99 -4.02 18.51 -2.32
C LEU A 99 -3.78 19.81 -3.07
N LEU A 100 -3.27 19.70 -4.30
CA LEU A 100 -2.91 20.87 -5.12
C LEU A 100 -3.86 21.14 -6.27
N PHE A 101 -4.06 22.43 -6.56
CA PHE A 101 -4.53 22.84 -7.88
C PHE A 101 -3.63 23.98 -8.38
N ASP A 102 -3.82 24.34 -9.65
CA ASP A 102 -3.01 25.35 -10.32
C ASP A 102 -3.82 26.64 -10.41
N LEU A 103 -3.30 27.71 -9.82
CA LEU A 103 -3.99 29.02 -9.85
C LEU A 103 -4.26 29.52 -11.27
N THR A 104 -3.47 29.06 -12.24
CA THR A 104 -3.62 29.48 -13.63
C THR A 104 -4.53 28.56 -14.47
N ASN A 105 -5.12 27.55 -13.82
CA ASN A 105 -5.91 26.53 -14.50
C ASN A 105 -7.20 26.29 -13.73
N GLU A 106 -8.28 26.92 -14.20
CA GLU A 106 -9.57 26.83 -13.55
C GLU A 106 -10.04 25.38 -13.40
N GLN A 107 -9.84 24.57 -14.44
CA GLN A 107 -10.32 23.19 -14.43
C GLN A 107 -9.71 22.35 -13.29
N SER A 108 -8.43 22.57 -13.00
CA SER A 108 -7.75 21.88 -11.89
C SER A 108 -8.39 22.24 -10.55
N PHE A 109 -8.86 23.48 -10.46
CA PHE A 109 -9.58 23.93 -9.26
C PHE A 109 -10.97 23.28 -9.19
N LEU A 110 -11.68 23.29 -10.31
CA LEU A 110 -13.01 22.67 -10.36
C LEU A 110 -12.97 21.16 -10.11
N ASN A 111 -11.82 20.53 -10.36
CA ASN A 111 -11.62 19.11 -10.03
C ASN A 111 -11.30 18.81 -8.57
N VAL A 112 -11.10 19.85 -7.75
CA VAL A 112 -10.76 19.65 -6.34
C VAL A 112 -11.81 18.83 -5.58
N ARG A 113 -13.07 19.11 -5.86
CA ARG A 113 -14.17 18.38 -5.22
C ARG A 113 -14.11 16.88 -5.53
N ASN A 114 -13.74 16.53 -6.76
CA ASN A 114 -13.63 15.13 -7.16
C ASN A 114 -12.45 14.42 -6.48
N TRP A 115 -11.31 15.11 -6.35
CA TRP A 115 -10.17 14.55 -5.61
C TRP A 115 -10.53 14.31 -4.14
N ILE A 116 -11.22 15.25 -3.51
CA ILE A 116 -11.62 15.10 -2.11
C ILE A 116 -12.53 13.86 -1.95
N SER A 117 -13.47 13.68 -2.87
CA SER A 117 -14.34 12.52 -2.86
C SER A 117 -13.54 11.21 -2.93
N GLN A 118 -12.50 11.20 -3.77
CA GLN A 118 -11.64 10.01 -3.89
C GLN A 118 -10.88 9.73 -2.60
N LEU A 119 -10.39 10.78 -1.94
CA LEU A 119 -9.75 10.61 -0.64
C LEU A 119 -10.70 10.07 0.43
N GLN A 120 -11.91 10.60 0.47
CA GLN A 120 -12.90 10.15 1.44
C GLN A 120 -13.22 8.66 1.26
N MET A 121 -13.16 8.17 0.03
CA MET A 121 -13.40 6.74 -0.23
C MET A 121 -12.19 5.86 0.11
N HIS A 122 -11.00 6.33 -0.25
CA HIS A 122 -9.82 5.46 -0.27
C HIS A 122 -8.79 5.70 0.84
N ALA A 123 -8.89 6.84 1.54
CA ALA A 123 -7.96 7.15 2.63
C ALA A 123 -8.21 6.28 3.86
N TYR A 124 -7.28 6.34 4.80
CA TYR A 124 -7.38 5.58 6.06
C TYR A 124 -8.64 5.96 6.86
N SER A 125 -9.09 7.20 6.68
CA SER A 125 -10.31 7.70 7.29
C SER A 125 -11.19 8.39 6.25
N GLU A 126 -12.48 8.49 6.55
CA GLU A 126 -13.42 9.26 5.72
C GLU A 126 -13.18 10.76 5.84
N ASN A 127 -12.44 11.17 6.86
CA ASN A 127 -12.20 12.58 7.15
C ASN A 127 -10.71 12.79 7.43
N PRO A 128 -9.85 12.55 6.41
CA PRO A 128 -8.41 12.61 6.63
C PRO A 128 -7.95 14.06 6.64
N ASP A 129 -6.79 14.32 7.23
CA ASP A 129 -6.20 15.66 7.23
C ASP A 129 -5.73 16.00 5.82
N ILE A 130 -6.21 17.13 5.32
CA ILE A 130 -5.87 17.64 3.99
C ILE A 130 -5.52 19.12 4.10
N VAL A 131 -4.43 19.52 3.46
CA VAL A 131 -4.13 20.94 3.27
C VAL A 131 -4.25 21.25 1.78
N LEU A 132 -5.06 22.27 1.46
CA LEU A 132 -5.29 22.68 0.07
C LEU A 132 -4.29 23.75 -0.33
N CYS A 133 -3.61 23.51 -1.45
CA CYS A 133 -2.60 24.42 -1.97
C CYS A 133 -3.00 24.88 -3.36
N GLY A 134 -3.18 26.19 -3.51
CA GLY A 134 -3.34 26.81 -4.82
C GLY A 134 -1.97 27.24 -5.33
N ASN A 135 -1.40 26.46 -6.24
CA ASN A 135 -0.01 26.63 -6.65
C ASN A 135 0.18 27.56 -7.86
N LYS A 136 1.43 27.98 -8.06
CA LYS A 136 1.86 28.90 -9.13
C LYS A 136 1.41 30.33 -8.86
N SER A 137 1.48 30.73 -7.59
CA SER A 137 1.05 32.08 -7.19
C SER A 137 1.94 33.18 -7.80
N ASP A 138 3.17 32.81 -8.18
CA ASP A 138 4.08 33.74 -8.84
C ASP A 138 3.63 34.15 -10.27
N LEU A 139 2.67 33.41 -10.84
CA LEU A 139 2.22 33.68 -12.21
C LEU A 139 0.93 34.50 -12.24
N GLU A 140 0.95 35.65 -11.56
CA GLU A 140 -0.24 36.50 -11.40
C GLU A 140 -0.88 36.93 -12.72
N ASP A 141 -0.07 37.14 -13.75
CA ASP A 141 -0.60 37.53 -15.06
C ASP A 141 -1.38 36.42 -15.76
N GLN A 142 -1.18 35.18 -15.33
CA GLN A 142 -1.87 34.03 -15.91
C GLN A 142 -2.94 33.49 -14.96
N ARG A 143 -3.20 34.21 -13.88
CA ARG A 143 -4.11 33.73 -12.85
C ARG A 143 -5.53 33.59 -13.41
N ALA A 144 -6.16 32.47 -13.06
CA ALA A 144 -7.52 32.16 -13.53
C ALA A 144 -8.49 31.78 -12.40
N VAL A 145 -7.98 31.64 -11.17
CA VAL A 145 -8.81 31.28 -10.03
C VAL A 145 -8.74 32.38 -8.98
N LYS A 146 -9.89 32.91 -8.58
CA LYS A 146 -9.94 33.99 -7.60
C LYS A 146 -9.71 33.45 -6.20
N GLU A 147 -8.88 34.15 -5.42
CA GLU A 147 -8.51 33.72 -4.07
C GLU A 147 -9.76 33.43 -3.24
N GLU A 148 -10.75 34.31 -3.36
CA GLU A 148 -11.94 34.24 -2.51
C GLU A 148 -12.75 32.99 -2.79
N GLU A 149 -12.81 32.60 -4.06
CA GLU A 149 -13.48 31.39 -4.50
C GLU A 149 -12.84 30.14 -3.87
N ALA A 150 -11.50 30.08 -3.96
CA ALA A 150 -10.74 28.97 -3.38
C ALA A 150 -10.91 28.90 -1.86
N ARG A 151 -10.84 30.06 -1.20
CA ARG A 151 -11.06 30.14 0.25
C ARG A 151 -12.45 29.65 0.64
N GLU A 152 -13.44 30.07 -0.14
CA GLU A 152 -14.83 29.64 0.06
C GLU A 152 -14.91 28.11 0.00
N LEU A 153 -14.34 27.52 -1.05
CA LEU A 153 -14.31 26.06 -1.20
C LEU A 153 -13.63 25.42 0.01
N ALA A 154 -12.43 25.89 0.34
CA ALA A 154 -11.68 25.34 1.47
C ALA A 154 -12.47 25.43 2.77
N GLU A 155 -13.16 26.57 2.94
CA GLU A 155 -14.00 26.79 4.11
C GLU A 155 -15.12 25.75 4.22
N LYS A 156 -15.76 25.43 3.10
CA LYS A 156 -16.85 24.45 3.10
C LYS A 156 -16.40 23.08 3.60
N TYR A 157 -15.17 22.69 3.25
CA TYR A 157 -14.64 21.39 3.66
C TYR A 157 -13.91 21.42 4.99
N GLY A 158 -13.71 22.61 5.55
CA GLY A 158 -12.96 22.77 6.79
C GLY A 158 -11.49 22.41 6.62
N ILE A 159 -10.89 22.80 5.49
CA ILE A 159 -9.48 22.51 5.24
C ILE A 159 -8.68 23.82 5.11
N PRO A 160 -7.43 23.86 5.61
CA PRO A 160 -6.59 25.04 5.39
C PRO A 160 -6.28 25.27 3.90
N TYR A 161 -6.22 26.54 3.50
CA TYR A 161 -5.85 26.93 2.14
C TYR A 161 -4.59 27.76 2.17
N PHE A 162 -3.59 27.37 1.39
CA PHE A 162 -2.42 28.20 1.15
C PHE A 162 -2.23 28.45 -0.33
N GLU A 163 -1.86 29.68 -0.68
CA GLU A 163 -1.45 29.97 -2.04
C GLU A 163 0.07 29.87 -2.08
N THR A 164 0.56 28.97 -2.93
CA THR A 164 1.95 28.57 -2.91
C THR A 164 2.64 28.86 -4.24
N SER A 165 3.97 28.91 -4.17
CA SER A 165 4.81 28.92 -5.36
C SER A 165 5.97 27.97 -5.17
N ALA A 166 6.00 26.91 -5.97
CA ALA A 166 7.16 26.02 -6.02
C ALA A 166 8.37 26.70 -6.66
N ALA A 167 8.13 27.76 -7.43
CA ALA A 167 9.22 28.52 -8.06
C ALA A 167 10.10 29.19 -7.02
N ASN A 168 9.47 29.92 -6.10
CA ASN A 168 10.23 30.71 -5.11
C ASN A 168 10.05 30.24 -3.66
N GLY A 169 9.18 29.26 -3.44
CA GLY A 169 9.00 28.64 -2.12
C GLY A 169 7.91 29.25 -1.23
N THR A 170 7.24 30.30 -1.70
CA THR A 170 6.25 31.00 -0.89
C THR A 170 5.19 30.05 -0.35
N ASN A 171 5.05 30.03 0.98
CA ASN A 171 4.04 29.25 1.70
C ASN A 171 4.17 27.73 1.62
N ILE A 172 5.24 27.21 1.02
CA ILE A 172 5.39 25.76 0.85
C ILE A 172 5.66 25.13 2.22
N SER A 173 6.66 25.63 2.92
CA SER A 173 6.98 25.13 4.27
C SER A 173 5.79 25.34 5.22
N HIS A 174 5.12 26.48 5.08
CA HIS A 174 3.86 26.74 5.81
C HIS A 174 2.86 25.61 5.67
N ALA A 175 2.52 25.30 4.43
CA ALA A 175 1.49 24.30 4.11
C ALA A 175 1.84 22.94 4.69
N ILE A 176 3.10 22.53 4.53
CA ILE A 176 3.55 21.20 4.97
C ILE A 176 3.70 21.11 6.48
N GLU A 177 4.21 22.17 7.11
CA GLU A 177 4.27 22.22 8.56
C GLU A 177 2.89 22.19 9.21
N MET A 178 1.91 22.83 8.58
CA MET A 178 0.50 22.78 9.00
C MET A 178 0.02 21.33 8.98
N LEU A 179 0.27 20.64 7.87
CA LEU A 179 -0.11 19.24 7.73
C LEU A 179 0.57 18.38 8.79
N LEU A 180 1.84 18.65 9.07
CA LEU A 180 2.56 17.96 10.14
C LEU A 180 1.93 18.22 11.51
N ASP A 181 1.56 19.47 11.78
CA ASP A 181 0.92 19.83 13.04
C ASP A 181 -0.40 19.07 13.23
N LEU A 182 -1.19 19.02 12.17
CA LEU A 182 -2.48 18.30 12.19
C LEU A 182 -2.31 16.81 12.53
N ILE A 183 -1.31 16.15 11.97
CA ILE A 183 -1.19 14.71 12.23
C ILE A 183 -0.56 14.42 13.60
N MET A 184 0.35 15.28 14.06
CA MET A 184 0.94 15.13 15.39
C MET A 184 -0.10 15.37 16.49
N LYS A 185 -1.03 16.30 16.24
CA LYS A 185 -2.15 16.53 17.16
C LYS A 185 -3.15 15.38 17.14
N ARG A 186 -3.35 14.78 15.97
CA ARG A 186 -4.17 13.58 15.85
C ARG A 186 -3.54 12.43 16.66
N MET A 187 -2.22 12.32 16.59
CA MET A 187 -1.49 11.33 17.39
C MET A 187 -1.71 11.60 18.88
N GLU A 188 -1.65 12.88 19.27
CA GLU A 188 -1.91 13.31 20.64
C GLU A 188 -3.34 12.98 21.06
N ARG A 189 -4.31 13.37 20.24
CA ARG A 189 -5.72 13.00 20.41
C ARG A 189 -5.89 11.52 20.71
N SER A 190 -5.31 10.67 19.87
CA SER A 190 -5.47 9.22 19.99
C SER A 190 -4.30 8.59 20.73
N GLY B 1 14.19 -0.63 -23.92
CA GLY B 1 12.86 -1.27 -23.71
C GLY B 1 11.74 -0.45 -24.30
N SER B 2 10.54 -1.03 -24.36
CA SER B 2 9.37 -0.28 -24.78
C SER B 2 9.05 0.78 -23.73
N PRO B 3 8.26 1.81 -24.10
CA PRO B 3 7.81 2.77 -23.08
C PRO B 3 7.05 2.07 -21.95
N GLU B 4 6.12 1.17 -22.30
CA GLU B 4 5.41 0.35 -21.31
C GLU B 4 6.37 -0.24 -20.28
N PHE B 5 7.42 -0.89 -20.77
CA PHE B 5 8.38 -1.55 -19.90
C PHE B 5 9.22 -0.55 -19.10
N GLU B 6 9.70 0.50 -19.76
CA GLU B 6 10.48 1.55 -19.09
C GLU B 6 9.69 2.19 -17.95
N GLU B 7 8.38 2.36 -18.13
CA GLU B 7 7.54 2.91 -17.07
C GLU B 7 7.51 1.99 -15.84
N GLN B 8 7.36 0.69 -16.06
CA GLN B 8 7.36 -0.26 -14.95
C GLN B 8 8.71 -0.29 -14.25
N GLU B 9 9.78 -0.27 -15.04
CA GLU B 9 11.15 -0.21 -14.50
C GLU B 9 11.33 0.98 -13.56
N ALA B 10 10.85 2.14 -13.99
CA ALA B 10 10.99 3.37 -13.20
C ALA B 10 10.21 3.26 -11.89
N ILE B 11 8.97 2.78 -11.97
CA ILE B 11 8.16 2.62 -10.76
C ILE B 11 8.76 1.57 -9.82
N MET B 12 9.29 0.49 -10.38
CA MET B 12 9.95 -0.53 -9.56
C MET B 12 11.11 0.04 -8.75
N LYS B 13 11.90 0.93 -9.36
CA LYS B 13 13.01 1.58 -8.65
C LYS B 13 12.51 2.40 -7.45
N VAL B 14 11.36 3.06 -7.61
CA VAL B 14 10.73 3.80 -6.51
C VAL B 14 10.30 2.82 -5.40
N LEU B 15 9.65 1.74 -5.81
CA LEU B 15 9.20 0.73 -4.85
C LEU B 15 10.39 0.11 -4.11
N GLN B 16 11.51 -0.05 -4.79
CA GLN B 16 12.70 -0.61 -4.17
C GLN B 16 13.27 0.35 -3.12
N ARG B 17 13.29 1.63 -3.45
CA ARG B 17 13.72 2.66 -2.49
C ARG B 17 12.82 2.72 -1.26
N ASP B 18 11.52 2.62 -1.48
CA ASP B 18 10.54 2.58 -0.39
C ASP B 18 10.78 1.36 0.50
N ALA B 19 11.07 0.22 -0.12
CA ALA B 19 11.34 -1.01 0.62
C ALA B 19 12.55 -0.87 1.53
N ALA B 20 13.60 -0.23 1.02
CA ALA B 20 14.81 0.03 1.81
C ALA B 20 14.52 0.96 2.99
N LEU B 21 13.73 2.00 2.76
CA LEU B 21 13.33 2.91 3.85
C LEU B 21 12.50 2.19 4.91
N LYS B 22 11.56 1.36 4.45
CA LYS B 22 10.75 0.55 5.36
C LYS B 22 11.57 -0.41 6.21
N ARG B 23 12.57 -1.07 5.62
CA ARG B 23 13.45 -1.96 6.39
C ARG B 23 14.27 -1.19 7.45
N ALA B 24 14.79 -0.03 7.05
CA ALA B 24 15.54 0.84 7.97
C ALA B 24 14.67 1.28 9.14
N GLU B 25 13.44 1.69 8.83
CA GLU B 25 12.46 2.12 9.83
C GLU B 25 12.12 0.97 10.77
N GLU B 26 11.91 -0.22 10.20
CA GLU B 26 11.61 -1.40 11.00
C GLU B 26 12.73 -1.74 11.97
N GLU B 27 13.98 -1.57 11.53
CA GLU B 27 15.15 -1.83 12.40
C GLU B 27 15.25 -0.79 13.52
N ARG B 28 14.87 0.46 13.22
CA ARG B 28 14.81 1.50 14.24
C ARG B 28 13.77 1.14 15.31
N VAL B 29 12.58 0.76 14.86
CA VAL B 29 11.49 0.41 15.77
C VAL B 29 11.86 -0.76 16.67
N ARG B 30 12.54 -1.76 16.10
CA ARG B 30 13.06 -2.91 16.85
C ARG B 30 13.92 -2.50 18.04
N HIS B 31 14.71 -1.44 17.88
CA HIS B 31 15.67 -1.01 18.90
C HIS B 31 15.06 -0.02 19.91
N LEU B 32 13.82 0.38 19.72
CA LEU B 32 13.19 1.39 20.61
C LEU B 32 13.10 0.92 22.08
N PRO B 33 12.64 -0.33 22.33
CA PRO B 33 12.63 -0.90 23.69
C PRO B 33 13.93 -0.77 24.49
N GLU B 34 15.07 -0.67 23.81
CA GLU B 34 16.36 -0.42 24.47
C GLU B 34 16.36 0.89 25.25
N LYS B 35 15.63 1.89 24.76
CA LYS B 35 15.65 3.24 25.33
C LYS B 35 14.30 3.66 25.93
N ILE B 36 13.21 3.32 25.27
CA ILE B 36 11.88 3.69 25.78
C ILE B 36 11.05 2.42 26.03
N LYS B 37 10.56 2.29 27.27
CA LYS B 37 9.79 1.11 27.66
C LYS B 37 8.34 1.41 28.05
N ASP B 38 7.95 2.68 27.93
CA ASP B 38 6.54 3.07 28.08
C ASP B 38 5.84 2.71 26.77
N ASP B 39 4.97 1.71 26.82
CA ASP B 39 4.38 1.14 25.60
C ASP B 39 3.55 2.12 24.77
N GLN B 40 2.99 3.15 25.39
CA GLN B 40 2.24 4.18 24.65
C GLN B 40 3.17 5.04 23.79
N GLN B 41 4.33 5.40 24.33
CA GLN B 41 5.34 6.12 23.55
C GLN B 41 5.87 5.25 22.42
N LEU B 42 6.07 3.96 22.70
CA LEU B 42 6.45 3.00 21.66
C LEU B 42 5.40 2.96 20.54
N LYS B 43 4.12 2.88 20.92
CA LYS B 43 3.01 2.87 19.93
C LYS B 43 3.03 4.10 19.05
N ASN B 44 3.32 5.25 19.65
CA ASN B 44 3.40 6.52 18.91
C ASN B 44 4.59 6.54 17.97
N MET B 45 5.78 6.30 18.51
CA MET B 45 7.02 6.34 17.74
C MET B 45 7.06 5.28 16.65
N SER B 46 6.47 4.10 16.91
CA SER B 46 6.47 3.01 15.94
C SER B 46 5.49 3.23 14.78
N GLY B 47 4.56 4.16 14.95
CA GLY B 47 3.51 4.39 13.95
C GLY B 47 2.30 3.48 14.09
N GLN B 48 2.33 2.60 15.09
CA GLN B 48 1.21 1.69 15.35
C GLN B 48 -0.10 2.45 15.66
N TRP B 49 0.03 3.64 16.25
CA TRP B 49 -1.13 4.48 16.54
C TRP B 49 -2.00 4.73 15.29
N PHE B 50 -1.35 4.81 14.13
CA PHE B 50 -2.03 5.08 12.85
C PHE B 50 -2.93 3.91 12.42
N TYR B 51 -2.63 2.71 12.90
CA TYR B 51 -3.48 1.54 12.67
C TYR B 51 -4.35 1.23 13.89
N GLU B 52 -4.45 2.19 14.82
CA GLU B 52 -5.08 1.99 16.13
C GLU B 52 -4.40 0.87 16.92
N GLY C 6 -19.91 -9.40 9.35
CA GLY C 6 -19.15 -9.14 10.61
C GLY C 6 -19.16 -10.33 11.56
N ASP C 7 -19.72 -11.45 11.12
CA ASP C 7 -19.92 -12.62 11.98
C ASP C 7 -18.67 -13.52 12.00
N TYR C 8 -17.51 -12.94 12.29
CA TYR C 8 -16.25 -13.69 12.33
C TYR C 8 -15.26 -13.07 13.32
N ASP C 9 -14.13 -13.74 13.54
CA ASP C 9 -13.17 -13.37 14.57
C ASP C 9 -11.88 -12.75 14.07
N TYR C 10 -11.43 -13.16 12.89
CA TYR C 10 -10.20 -12.63 12.29
C TYR C 10 -10.36 -12.37 10.80
N LEU C 11 -9.78 -11.27 10.32
CA LEU C 11 -9.60 -11.03 8.90
C LEU C 11 -8.14 -11.40 8.58
N ILE C 12 -7.96 -12.36 7.69
CA ILE C 12 -6.62 -12.80 7.30
C ILE C 12 -6.45 -12.56 5.80
N LYS C 13 -5.34 -11.93 5.41
CA LYS C 13 -5.07 -11.63 3.99
C LYS C 13 -3.91 -12.46 3.46
N PHE C 14 -4.16 -13.21 2.38
CA PHE C 14 -3.10 -13.89 1.63
C PHE C 14 -2.97 -13.27 0.25
N LEU C 15 -1.86 -13.58 -0.40
CA LEU C 15 -1.61 -13.10 -1.75
C LEU C 15 -0.99 -14.21 -2.60
N ALA C 16 -1.55 -14.40 -3.79
CA ALA C 16 -1.02 -15.38 -4.72
C ALA C 16 -0.15 -14.68 -5.76
N LEU C 17 1.03 -15.24 -6.02
CA LEU C 17 1.98 -14.66 -6.98
C LEU C 17 2.73 -15.75 -7.73
N GLY C 18 3.35 -15.34 -8.82
CA GLY C 18 4.06 -16.25 -9.74
C GLY C 18 3.91 -15.76 -11.17
N ASP C 19 4.60 -16.42 -12.10
CA ASP C 19 4.59 -16.03 -13.50
C ASP C 19 3.17 -16.06 -14.05
N SER C 20 2.93 -15.24 -15.06
CA SER C 20 1.65 -15.25 -15.76
C SER C 20 1.37 -16.65 -16.33
N GLY C 21 0.20 -17.19 -15.98
CA GLY C 21 -0.31 -18.41 -16.58
C GLY C 21 -0.10 -19.65 -15.74
N VAL C 22 0.56 -19.49 -14.59
CA VAL C 22 0.88 -20.66 -13.75
C VAL C 22 -0.36 -21.22 -13.05
N GLY C 23 -1.42 -20.40 -12.92
CA GLY C 23 -2.69 -20.85 -12.35
C GLY C 23 -3.12 -20.21 -11.03
N LYS C 24 -2.67 -18.98 -10.77
CA LYS C 24 -3.01 -18.32 -9.51
C LYS C 24 -4.52 -18.10 -9.37
N THR C 25 -5.13 -17.49 -10.38
CA THR C 25 -6.56 -17.24 -10.38
C THR C 25 -7.36 -18.53 -10.28
N SER C 26 -6.95 -19.53 -11.05
CA SER C 26 -7.61 -20.84 -11.04
C SER C 26 -7.50 -21.52 -9.67
N VAL C 27 -6.32 -21.47 -9.04
CA VAL C 27 -6.15 -22.08 -7.72
C VAL C 27 -7.11 -21.46 -6.70
N LEU C 28 -7.21 -20.13 -6.68
CA LEU C 28 -8.07 -19.45 -5.72
C LEU C 28 -9.56 -19.74 -6.01
N TYR C 29 -9.92 -19.78 -7.30
CA TYR C 29 -11.30 -20.04 -7.71
C TYR C 29 -11.73 -21.47 -7.38
N GLN C 30 -10.82 -22.43 -7.56
CA GLN C 30 -11.06 -23.82 -7.13
C GLN C 30 -11.26 -23.87 -5.62
N TYR C 31 -10.43 -23.15 -4.88
CA TYR C 31 -10.54 -23.15 -3.41
C TYR C 31 -11.87 -22.56 -2.95
N THR C 32 -12.22 -21.39 -3.46
CA THR C 32 -13.43 -20.70 -2.98
C THR C 32 -14.74 -21.32 -3.48
N ASP C 33 -14.78 -21.69 -4.76
CA ASP C 33 -16.03 -22.14 -5.43
C ASP C 33 -16.09 -23.60 -5.87
N GLY C 34 -14.95 -24.30 -5.84
CA GLY C 34 -14.90 -25.67 -6.30
C GLY C 34 -15.09 -25.77 -7.81
N LYS C 35 -14.73 -24.71 -8.52
CA LYS C 35 -14.93 -24.68 -9.98
C LYS C 35 -13.63 -24.36 -10.73
N PHE C 36 -13.63 -24.68 -12.02
CA PHE C 36 -12.45 -24.49 -12.86
C PHE C 36 -12.86 -24.03 -14.25
N ASN C 37 -12.11 -23.06 -14.76
CA ASN C 37 -12.32 -22.47 -16.08
C ASN C 37 -11.11 -22.76 -16.96
N SER C 38 -11.34 -23.43 -18.10
CA SER C 38 -10.27 -23.77 -19.03
C SER C 38 -9.74 -22.55 -19.81
N LYS C 39 -10.59 -21.54 -20.02
CA LYS C 39 -10.19 -20.35 -20.75
C LYS C 39 -9.20 -19.53 -19.92
N PHE C 40 -8.14 -19.06 -20.58
CA PHE C 40 -7.12 -18.23 -19.94
C PHE C 40 -7.58 -16.77 -20.01
N ILE C 41 -8.19 -16.31 -18.92
CA ILE C 41 -8.56 -14.90 -18.76
C ILE C 41 -7.51 -14.29 -17.84
N THR C 42 -6.50 -13.66 -18.43
CA THR C 42 -5.38 -13.11 -17.68
C THR C 42 -5.83 -11.98 -16.75
N THR C 43 -5.25 -11.96 -15.55
CA THR C 43 -5.67 -11.01 -14.52
C THR C 43 -5.22 -9.60 -14.85
N VAL C 44 -6.16 -8.67 -14.82
CA VAL C 44 -5.88 -7.27 -15.11
C VAL C 44 -5.35 -6.59 -13.86
N GLY C 45 -4.07 -6.78 -13.63
CA GLY C 45 -3.36 -6.14 -12.53
C GLY C 45 -3.53 -6.89 -11.23
N ILE C 46 -4.69 -6.69 -10.59
CA ILE C 46 -4.98 -7.28 -9.29
C ILE C 46 -6.46 -7.61 -9.16
N ASP C 47 -6.76 -8.58 -8.31
CA ASP C 47 -8.13 -8.88 -7.91
C ASP C 47 -8.07 -9.55 -6.55
N PHE C 48 -9.21 -9.78 -5.94
CA PHE C 48 -9.23 -10.65 -4.77
C PHE C 48 -10.54 -11.41 -4.69
N ARG C 49 -10.47 -12.58 -4.08
CA ARG C 49 -11.64 -13.36 -3.70
C ARG C 49 -11.78 -13.34 -2.19
N GLU C 50 -12.94 -13.76 -1.70
CA GLU C 50 -13.20 -13.85 -0.27
C GLU C 50 -13.74 -15.24 0.08
N LYS C 51 -13.39 -15.72 1.27
CA LYS C 51 -13.95 -16.98 1.76
C LYS C 51 -13.99 -17.01 3.29
N ARG C 52 -15.14 -17.42 3.82
CA ARG C 52 -15.33 -17.58 5.24
C ARG C 52 -15.05 -19.04 5.58
N VAL C 53 -14.11 -19.27 6.52
CA VAL C 53 -13.76 -20.61 6.96
C VAL C 53 -13.66 -20.65 8.48
N VAL C 54 -13.63 -21.86 9.04
CA VAL C 54 -13.47 -22.06 10.48
C VAL C 54 -12.16 -22.78 10.74
N TYR C 55 -11.29 -22.14 11.52
CA TYR C 55 -9.99 -22.69 11.85
C TYR C 55 -10.01 -23.26 13.27
N ARG C 56 -9.28 -24.35 13.47
CA ARG C 56 -9.07 -24.90 14.81
C ARG C 56 -7.69 -25.56 14.89
N ALA C 57 -6.99 -25.29 15.99
CA ALA C 57 -5.66 -25.85 16.24
C ALA C 57 -5.75 -27.35 16.48
N GLY C 67 -14.30 -23.19 17.56
CA GLY C 67 -13.30 -22.84 16.54
C GLY C 67 -13.15 -21.34 16.34
N GLN C 68 -12.18 -20.96 15.51
CA GLN C 68 -11.91 -19.56 15.20
C GLN C 68 -12.44 -19.24 13.80
N ARG C 69 -13.35 -18.26 13.72
CA ARG C 69 -13.98 -17.89 12.45
C ARG C 69 -13.10 -16.89 11.69
N ILE C 70 -12.68 -17.29 10.49
CA ILE C 70 -11.76 -16.50 9.68
C ILE C 70 -12.42 -15.99 8.40
N HIS C 71 -12.32 -14.69 8.17
CA HIS C 71 -12.67 -14.16 6.86
C HIS C 71 -11.38 -13.99 6.06
N LEU C 72 -11.25 -14.75 4.98
CA LEU C 72 -10.07 -14.71 4.13
C LEU C 72 -10.26 -13.70 3.00
N GLN C 73 -9.33 -12.77 2.89
CA GLN C 73 -9.20 -11.96 1.67
C GLN C 73 -8.04 -12.55 0.87
N LEU C 74 -8.37 -13.15 -0.27
CA LEU C 74 -7.38 -13.83 -1.09
C LEU C 74 -6.98 -12.97 -2.28
N TRP C 75 -5.91 -12.20 -2.11
CA TRP C 75 -5.38 -11.35 -3.18
C TRP C 75 -4.80 -12.19 -4.31
N ASP C 76 -5.07 -11.74 -5.53
CA ASP C 76 -4.69 -12.41 -6.75
C ASP C 76 -3.96 -11.40 -7.65
N THR C 77 -2.67 -11.62 -7.90
CA THR C 77 -1.86 -10.65 -8.64
C THR C 77 -1.56 -11.12 -10.06
N ALA C 78 -1.35 -10.17 -10.96
CA ALA C 78 -0.97 -10.47 -12.34
C ALA C 78 0.52 -10.82 -12.41
N GLY C 79 0.85 -11.82 -13.22
CA GLY C 79 2.23 -12.22 -13.43
C GLY C 79 2.95 -11.43 -14.51
N LEU C 80 2.22 -10.84 -15.45
CA LEU C 80 2.83 -10.17 -16.60
C LEU C 80 3.61 -8.93 -16.14
N GLU C 81 4.76 -8.71 -16.76
CA GLU C 81 5.66 -7.59 -16.44
C GLU C 81 4.98 -6.22 -16.48
N ARG C 82 4.05 -6.07 -17.41
CA ARG C 82 3.31 -4.80 -17.56
C ARG C 82 2.53 -4.38 -16.32
N PHE C 83 2.23 -5.34 -15.44
CA PHE C 83 1.57 -5.05 -14.16
C PHE C 83 2.50 -5.22 -12.95
N ARG C 84 3.81 -5.33 -13.17
CA ARG C 84 4.70 -5.73 -12.08
C ARG C 84 4.71 -4.75 -10.90
N SER C 85 4.70 -3.46 -11.18
CA SER C 85 4.75 -2.45 -10.11
C SER C 85 3.46 -2.45 -9.27
N LEU C 86 2.32 -2.63 -9.92
CA LEU C 86 1.06 -2.81 -9.19
C LEU C 86 1.09 -4.06 -8.32
N THR C 87 1.49 -5.19 -8.91
CA THR C 87 1.63 -6.46 -8.18
C THR C 87 2.54 -6.30 -6.95
N THR C 88 3.70 -5.69 -7.18
CA THR C 88 4.71 -5.50 -6.14
C THR C 88 4.18 -4.59 -5.03
N ALA C 89 3.39 -3.59 -5.40
CA ALA C 89 2.84 -2.64 -4.44
C ALA C 89 1.92 -3.34 -3.45
N PHE C 90 1.28 -4.43 -3.86
CA PHE C 90 0.35 -5.12 -2.97
C PHE C 90 0.99 -6.17 -2.09
N PHE C 91 2.28 -6.46 -2.30
CA PHE C 91 3.00 -7.39 -1.45
C PHE C 91 2.95 -6.96 0.03
N ARG C 92 2.95 -5.65 0.27
CA ARG C 92 2.81 -5.09 1.62
C ARG C 92 1.46 -5.43 2.30
N ASP C 93 0.42 -5.70 1.51
CA ASP C 93 -0.92 -5.96 2.05
C ASP C 93 -1.09 -7.34 2.68
N ALA C 94 -0.24 -8.30 2.32
CA ALA C 94 -0.48 -9.70 2.66
C ALA C 94 0.18 -10.16 3.97
N MET C 95 -0.49 -11.07 4.68
CA MET C 95 0.05 -11.71 5.88
C MET C 95 0.80 -13.00 5.55
N GLY C 96 0.60 -13.50 4.34
CA GLY C 96 1.26 -14.72 3.90
C GLY C 96 1.04 -14.92 2.41
N PHE C 97 1.87 -15.77 1.81
CA PHE C 97 1.93 -15.84 0.36
C PHE C 97 1.77 -17.25 -0.18
N LEU C 98 1.00 -17.36 -1.26
CA LEU C 98 0.90 -18.60 -2.03
C LEU C 98 1.70 -18.39 -3.31
N LEU C 99 2.89 -18.97 -3.38
CA LEU C 99 3.79 -18.78 -4.51
C LEU C 99 3.66 -19.97 -5.45
N LEU C 100 3.24 -19.71 -6.68
CA LEU C 100 2.97 -20.78 -7.65
C LEU C 100 4.01 -20.82 -8.75
N PHE C 101 4.31 -22.03 -9.21
CA PHE C 101 4.88 -22.22 -10.53
C PHE C 101 4.08 -23.30 -11.27
N ASP C 102 4.39 -23.50 -12.55
CA ASP C 102 3.71 -24.45 -13.41
C ASP C 102 4.58 -25.68 -13.62
N LEU C 103 4.11 -26.85 -13.17
CA LEU C 103 4.88 -28.08 -13.31
C LEU C 103 5.25 -28.40 -14.76
N THR C 104 4.49 -27.83 -15.71
CA THR C 104 4.74 -28.02 -17.14
C THR C 104 5.69 -26.98 -17.75
N ASN C 105 6.16 -26.04 -16.95
CA ASN C 105 6.95 -24.91 -17.45
C ASN C 105 8.17 -24.66 -16.57
N GLU C 106 9.33 -25.15 -17.02
CA GLU C 106 10.57 -25.06 -16.27
C GLU C 106 10.97 -23.62 -15.94
N GLN C 107 10.81 -22.70 -16.90
CA GLN C 107 11.17 -21.29 -16.66
C GLN C 107 10.40 -20.70 -15.48
N SER C 108 9.11 -21.04 -15.39
CA SER C 108 8.25 -20.57 -14.29
C SER C 108 8.77 -21.07 -12.95
N PHE C 109 9.35 -22.26 -12.96
CA PHE C 109 9.96 -22.85 -11.76
C PHE C 109 11.29 -22.16 -11.43
N LEU C 110 12.12 -21.95 -12.45
CA LEU C 110 13.38 -21.22 -12.28
C LEU C 110 13.14 -19.83 -11.70
N ASN C 111 12.04 -19.19 -12.09
CA ASN C 111 11.71 -17.84 -11.64
C ASN C 111 11.25 -17.75 -10.17
N VAL C 112 10.95 -18.89 -9.55
CA VAL C 112 10.57 -18.90 -8.14
C VAL C 112 11.63 -18.26 -7.22
N ARG C 113 12.91 -18.47 -7.52
CA ARG C 113 13.97 -17.85 -6.70
C ARG C 113 13.87 -16.33 -6.77
N ASN C 114 13.54 -15.80 -7.94
CA ASN C 114 13.43 -14.36 -8.15
C ASN C 114 12.21 -13.79 -7.43
N TRP C 115 11.10 -14.52 -7.50
CA TRP C 115 9.88 -14.14 -6.76
C TRP C 115 10.14 -14.09 -5.27
N ILE C 116 10.87 -15.08 -4.74
CA ILE C 116 11.17 -15.12 -3.31
C ILE C 116 12.05 -13.94 -2.88
N SER C 117 13.04 -13.61 -3.70
CA SER C 117 13.86 -12.42 -3.47
C SER C 117 12.98 -11.15 -3.42
N GLN C 118 12.01 -11.03 -4.33
CA GLN C 118 11.09 -9.87 -4.33
C GLN C 118 10.25 -9.81 -3.04
N LEU C 119 9.70 -10.96 -2.65
CA LEU C 119 8.96 -11.05 -1.37
C LEU C 119 9.84 -10.65 -0.19
N GLN C 120 11.07 -11.16 -0.15
CA GLN C 120 11.98 -10.84 0.95
C GLN C 120 12.27 -9.34 1.04
N MET C 121 12.21 -8.66 -0.12
CA MET C 121 12.43 -7.22 -0.18
C MET C 121 11.20 -6.41 0.23
N HIS C 122 10.02 -6.86 -0.22
CA HIS C 122 8.80 -6.03 -0.15
C HIS C 122 7.76 -6.43 0.89
N ALA C 123 7.77 -7.68 1.34
CA ALA C 123 6.78 -8.16 2.31
C ALA C 123 6.95 -7.46 3.65
N TYR C 124 6.02 -7.69 4.58
CA TYR C 124 6.06 -7.06 5.91
C TYR C 124 7.28 -7.53 6.72
N SER C 125 7.79 -8.71 6.37
CA SER C 125 8.98 -9.30 6.98
C SER C 125 9.91 -9.76 5.88
N GLU C 126 11.21 -9.84 6.18
CA GLU C 126 12.17 -10.50 5.28
C GLU C 126 11.95 -12.00 5.23
N ASN C 127 11.19 -12.56 6.16
CA ASN C 127 10.92 -13.98 6.18
C ASN C 127 9.42 -14.25 6.40
N PRO C 128 8.58 -13.87 5.40
CA PRO C 128 7.16 -14.04 5.53
C PRO C 128 6.78 -15.49 5.31
N ASP C 129 5.60 -15.86 5.76
CA ASP C 129 5.10 -17.21 5.56
C ASP C 129 4.73 -17.40 4.10
N ILE C 130 5.30 -18.45 3.51
CA ILE C 130 5.09 -18.80 2.12
C ILE C 130 4.80 -20.28 1.99
N VAL C 131 3.86 -20.63 1.11
CA VAL C 131 3.66 -22.02 0.70
C VAL C 131 3.87 -22.08 -0.81
N LEU C 132 4.73 -23.00 -1.23
CA LEU C 132 5.07 -23.16 -2.65
C LEU C 132 4.14 -24.21 -3.25
N CYS C 133 3.51 -23.85 -4.37
CA CYS C 133 2.62 -24.75 -5.10
C CYS C 133 3.16 -24.99 -6.51
N GLY C 134 3.44 -26.25 -6.82
CA GLY C 134 3.70 -26.68 -8.19
C GLY C 134 2.38 -27.07 -8.82
N ASN C 135 1.81 -26.17 -9.60
CA ASN C 135 0.46 -26.35 -10.14
C ASN C 135 0.44 -27.12 -11.47
N LYS C 136 -0.77 -27.56 -11.83
CA LYS C 136 -1.04 -28.32 -13.06
C LYS C 136 -0.50 -29.75 -12.96
N SER C 137 -0.64 -30.34 -11.78
CA SER C 137 -0.21 -31.72 -11.56
C SER C 137 -1.00 -32.72 -12.39
N ASP C 138 -2.17 -32.32 -12.87
CA ASP C 138 -3.02 -33.18 -13.70
C ASP C 138 -2.47 -33.36 -15.11
N LEU C 139 -1.57 -32.47 -15.53
CA LEU C 139 -0.96 -32.55 -16.85
C LEU C 139 0.34 -33.33 -16.79
N GLU C 140 0.25 -34.62 -16.46
CA GLU C 140 1.46 -35.42 -16.23
C GLU C 140 2.29 -35.60 -17.49
N ASP C 141 1.62 -35.71 -18.65
CA ASP C 141 2.33 -35.87 -19.92
C ASP C 141 3.19 -34.67 -20.31
N GLN C 142 2.89 -33.51 -19.72
CA GLN C 142 3.64 -32.26 -19.98
C GLN C 142 4.59 -31.85 -18.86
N ARG C 143 4.73 -32.66 -17.80
CA ARG C 143 5.56 -32.25 -16.68
C ARG C 143 6.99 -31.97 -17.15
N ALA C 144 7.51 -30.81 -16.74
CA ALA C 144 8.85 -30.38 -17.09
C ALA C 144 9.76 -30.18 -15.87
N VAL C 145 9.18 -30.18 -14.67
CA VAL C 145 9.92 -29.92 -13.44
C VAL C 145 9.99 -31.19 -12.62
N LYS C 146 11.20 -31.68 -12.37
CA LYS C 146 11.37 -32.90 -11.57
C LYS C 146 10.96 -32.65 -10.13
N GLU C 147 10.19 -33.57 -9.55
CA GLU C 147 9.71 -33.44 -8.17
C GLU C 147 10.85 -33.19 -7.18
N GLU C 148 11.98 -33.87 -7.36
CA GLU C 148 13.13 -33.73 -6.44
C GLU C 148 13.67 -32.31 -6.44
N GLU C 149 13.70 -31.69 -7.61
CA GLU C 149 14.19 -30.32 -7.77
C GLU C 149 13.34 -29.34 -6.98
N ALA C 150 12.03 -29.49 -7.10
CA ALA C 150 11.09 -28.63 -6.38
C ALA C 150 11.19 -28.85 -4.88
N ARG C 151 11.23 -30.12 -4.47
CA ARG C 151 11.39 -30.45 -3.06
C ARG C 151 12.69 -29.84 -2.51
N GLU C 152 13.74 -29.90 -3.32
CA GLU C 152 15.04 -29.35 -2.92
C GLU C 152 14.90 -27.84 -2.71
N LEU C 153 14.40 -27.14 -3.73
CA LEU C 153 14.22 -25.68 -3.64
C LEU C 153 13.42 -25.30 -2.38
N ALA C 154 12.30 -25.98 -2.16
CA ALA C 154 11.45 -25.72 -0.99
C ALA C 154 12.23 -25.83 0.31
N GLU C 155 13.00 -26.90 0.46
CA GLU C 155 13.77 -27.13 1.68
C GLU C 155 14.84 -26.06 1.90
N LYS C 156 15.54 -25.70 0.83
CA LYS C 156 16.57 -24.66 0.91
C LYS C 156 15.99 -23.33 1.40
N TYR C 157 14.77 -23.00 0.98
CA TYR C 157 14.11 -21.78 1.42
C TYR C 157 13.29 -21.94 2.71
N GLY C 158 13.10 -23.19 3.15
CA GLY C 158 12.37 -23.47 4.38
C GLY C 158 10.87 -23.30 4.26
N ILE C 159 10.32 -23.63 3.09
CA ILE C 159 8.91 -23.42 2.79
C ILE C 159 8.23 -24.75 2.40
N PRO C 160 6.99 -24.97 2.88
CA PRO C 160 6.26 -26.19 2.50
C PRO C 160 5.98 -26.21 1.01
N TYR C 161 5.84 -27.41 0.46
CA TYR C 161 5.65 -27.59 -0.98
C TYR C 161 4.51 -28.56 -1.22
N PHE C 162 3.57 -28.17 -2.09
CA PHE C 162 2.49 -29.05 -2.54
C PHE C 162 2.44 -29.06 -4.06
N GLU C 163 2.20 -30.22 -4.64
CA GLU C 163 1.84 -30.31 -6.04
C GLU C 163 0.32 -30.30 -6.10
N THR C 164 -0.21 -29.32 -6.83
CA THR C 164 -1.63 -29.02 -6.83
C THR C 164 -2.20 -29.12 -8.25
N SER C 165 -3.52 -29.27 -8.31
CA SER C 165 -4.27 -29.10 -9.55
C SER C 165 -5.51 -28.26 -9.30
N ALA C 166 -5.53 -27.08 -9.91
CA ALA C 166 -6.71 -26.22 -9.89
C ALA C 166 -7.86 -26.84 -10.68
N ALA C 167 -7.53 -27.75 -11.61
CA ALA C 167 -8.54 -28.43 -12.43
C ALA C 167 -9.37 -29.39 -11.59
N ASN C 168 -8.73 -30.33 -10.92
CA ASN C 168 -9.45 -31.37 -10.16
C ASN C 168 -9.44 -31.16 -8.63
N GLY C 169 -8.70 -30.16 -8.17
CA GLY C 169 -8.70 -29.78 -6.75
C GLY C 169 -7.63 -30.40 -5.86
N THR C 170 -6.85 -31.33 -6.40
CA THR C 170 -5.81 -32.00 -5.62
C THR C 170 -4.90 -31.02 -4.86
N ASN C 171 -4.84 -31.22 -3.54
CA ASN C 171 -3.98 -30.44 -2.62
C ASN C 171 -4.26 -28.94 -2.52
N ILE C 172 -5.35 -28.47 -3.13
CA ILE C 172 -5.67 -27.04 -3.11
C ILE C 172 -5.95 -26.61 -1.68
N SER C 173 -6.93 -27.25 -1.06
CA SER C 173 -7.27 -26.97 0.32
C SER C 173 -6.09 -27.22 1.26
N HIS C 174 -5.37 -28.32 1.09
CA HIS C 174 -4.19 -28.60 1.90
C HIS C 174 -3.18 -27.45 1.89
N ALA C 175 -2.89 -26.93 0.69
CA ALA C 175 -1.89 -25.87 0.52
C ALA C 175 -2.33 -24.59 1.24
N ILE C 176 -3.57 -24.20 1.01
CA ILE C 176 -4.11 -22.96 1.57
C ILE C 176 -4.35 -23.08 3.07
N GLU C 177 -4.79 -24.26 3.53
CA GLU C 177 -4.94 -24.54 4.96
C GLU C 177 -3.60 -24.58 5.70
N MET C 178 -2.56 -25.06 5.02
CA MET C 178 -1.21 -24.99 5.57
C MET C 178 -0.79 -23.53 5.78
N LEU C 179 -1.03 -22.71 4.76
CA LEU C 179 -0.69 -21.29 4.84
C LEU C 179 -1.42 -20.62 6.00
N LEU C 180 -2.70 -20.94 6.17
CA LEU C 180 -3.50 -20.41 7.27
C LEU C 180 -2.92 -20.83 8.61
N ASP C 181 -2.61 -22.12 8.73
CA ASP C 181 -2.00 -22.66 9.93
C ASP C 181 -0.72 -21.90 10.30
N LEU C 182 0.13 -21.64 9.30
CA LEU C 182 1.36 -20.87 9.52
C LEU C 182 1.07 -19.47 10.09
N ILE C 183 0.11 -18.77 9.49
CA ILE C 183 -0.26 -17.43 9.95
C ILE C 183 -0.83 -17.46 11.37
N MET C 184 -1.75 -18.39 11.64
CA MET C 184 -2.40 -18.46 12.96
C MET C 184 -1.39 -18.78 14.07
N LYS C 185 -0.45 -19.68 13.78
CA LYS C 185 0.64 -19.99 14.72
C LYS C 185 1.56 -18.80 14.96
N ARG C 186 1.87 -18.06 13.89
CA ARG C 186 2.66 -16.84 14.02
C ARG C 186 1.96 -15.85 14.94
N MET C 187 0.67 -15.61 14.68
CA MET C 187 -0.14 -14.72 15.51
C MET C 187 -0.12 -15.15 16.98
N GLU C 188 -0.38 -16.44 17.21
CA GLU C 188 -0.50 -16.97 18.56
C GLU C 188 0.87 -17.30 19.16
N ARG C 189 1.91 -17.16 18.34
CA ARG C 189 3.32 -17.28 18.74
C ARG C 189 3.72 -18.73 18.96
N GLY D 1 -14.23 2.38 -22.95
CA GLY D 1 -13.15 3.20 -23.58
C GLY D 1 -12.02 2.35 -24.14
N SER D 2 -10.82 2.91 -24.16
CA SER D 2 -9.64 2.20 -24.67
C SER D 2 -9.36 0.97 -23.81
N PRO D 3 -8.72 -0.06 -24.41
CA PRO D 3 -8.30 -1.24 -23.64
C PRO D 3 -7.65 -0.87 -22.31
N GLU D 4 -6.77 0.13 -22.35
CA GLU D 4 -6.05 0.60 -21.17
C GLU D 4 -6.99 1.30 -20.19
N PHE D 5 -7.89 2.13 -20.73
CA PHE D 5 -8.88 2.83 -19.92
C PHE D 5 -9.79 1.85 -19.18
N GLU D 6 -10.28 0.85 -19.91
CA GLU D 6 -11.11 -0.19 -19.32
C GLU D 6 -10.36 -0.99 -18.25
N GLU D 7 -9.06 -1.18 -18.46
CA GLU D 7 -8.22 -1.86 -17.47
C GLU D 7 -8.11 -1.05 -16.18
N GLN D 8 -7.87 0.26 -16.30
CA GLN D 8 -7.82 1.13 -15.14
C GLN D 8 -9.16 1.14 -14.39
N GLU D 9 -10.26 1.18 -15.14
CA GLU D 9 -11.59 1.09 -14.55
C GLU D 9 -11.77 -0.21 -13.77
N ALA D 10 -11.28 -1.31 -14.32
CA ALA D 10 -11.39 -2.62 -13.67
C ALA D 10 -10.60 -2.63 -12.36
N ILE D 11 -9.39 -2.09 -12.39
CA ILE D 11 -8.56 -2.05 -11.19
C ILE D 11 -9.17 -1.12 -10.14
N MET D 12 -9.70 0.02 -10.58
CA MET D 12 -10.37 0.95 -9.68
C MET D 12 -11.52 0.28 -8.92
N LYS D 13 -12.27 -0.59 -9.60
CA LYS D 13 -13.36 -1.33 -8.96
C LYS D 13 -12.85 -2.28 -7.86
N VAL D 14 -11.69 -2.90 -8.08
CA VAL D 14 -11.10 -3.78 -7.08
C VAL D 14 -10.68 -2.96 -5.85
N LEU D 15 -10.06 -1.82 -6.10
CA LEU D 15 -9.68 -0.89 -5.03
C LEU D 15 -10.89 -0.41 -4.23
N GLN D 16 -12.01 -0.11 -4.91
CA GLN D 16 -13.24 0.28 -4.22
C GLN D 16 -13.78 -0.85 -3.32
N ARG D 17 -13.76 -2.07 -3.84
CA ARG D 17 -14.15 -3.25 -3.07
C ARG D 17 -13.25 -3.47 -1.86
N ASP D 18 -11.94 -3.31 -2.04
CA ASP D 18 -11.01 -3.44 -0.92
C ASP D 18 -11.29 -2.36 0.15
N ALA D 19 -11.52 -1.13 -0.27
CA ALA D 19 -11.87 -0.05 0.67
C ALA D 19 -13.15 -0.39 1.44
N ALA D 20 -14.15 -0.89 0.72
CA ALA D 20 -15.41 -1.31 1.31
C ALA D 20 -15.20 -2.39 2.37
N LEU D 21 -14.37 -3.38 2.04
CA LEU D 21 -14.03 -4.45 2.98
C LEU D 21 -13.29 -3.93 4.20
N LYS D 22 -12.31 -3.05 3.96
CA LYS D 22 -11.55 -2.45 5.06
C LYS D 22 -12.47 -1.72 6.04
N ARG D 23 -13.44 -1.01 5.52
CA ARG D 23 -14.33 -0.17 6.34
C ARG D 23 -15.35 -1.03 7.10
N ALA D 24 -15.73 -2.17 6.53
CA ALA D 24 -16.55 -3.15 7.25
C ALA D 24 -15.74 -3.79 8.38
N GLU D 25 -14.48 -4.11 8.11
CA GLU D 25 -13.60 -4.71 9.12
C GLU D 25 -13.35 -3.75 10.28
N GLU D 26 -13.17 -2.47 9.96
CA GLU D 26 -12.97 -1.44 10.97
C GLU D 26 -14.15 -1.38 11.92
N GLU D 27 -15.36 -1.41 11.35
CA GLU D 27 -16.59 -1.39 12.14
C GLU D 27 -16.67 -2.60 13.04
N ARG D 28 -16.32 -3.78 12.51
CA ARG D 28 -16.27 -4.99 13.33
C ARG D 28 -15.32 -4.83 14.52
N VAL D 29 -14.11 -4.36 14.25
CA VAL D 29 -13.09 -4.20 15.28
C VAL D 29 -13.53 -3.22 16.39
N ARG D 30 -14.25 -2.17 16.01
CA ARG D 30 -14.76 -1.20 17.00
C ARG D 30 -15.65 -1.85 18.07
N HIS D 31 -16.34 -2.93 17.71
CA HIS D 31 -17.25 -3.62 18.62
C HIS D 31 -16.67 -4.84 19.32
N LEU D 32 -15.40 -5.16 19.07
CA LEU D 32 -14.75 -6.28 19.75
C LEU D 32 -14.77 -6.16 21.29
N PRO D 33 -14.53 -4.96 21.82
CA PRO D 33 -14.57 -4.80 23.30
C PRO D 33 -15.93 -5.11 23.94
N GLU D 34 -17.00 -5.05 23.16
CA GLU D 34 -18.35 -5.40 23.62
C GLU D 34 -18.54 -6.92 23.70
N LYS D 35 -17.69 -7.68 23.02
CA LYS D 35 -17.84 -9.14 22.89
C LYS D 35 -16.76 -9.96 23.59
N ILE D 36 -15.54 -9.44 23.67
CA ILE D 36 -14.44 -10.15 24.33
C ILE D 36 -13.73 -9.25 25.35
N LYS D 37 -13.30 -9.85 26.46
CA LYS D 37 -12.56 -9.14 27.51
C LYS D 37 -11.06 -9.35 27.43
N ASP D 38 -10.64 -10.57 27.06
CA ASP D 38 -9.23 -10.94 27.04
C ASP D 38 -8.42 -9.95 26.19
N ASP D 39 -7.41 -9.33 26.82
CA ASP D 39 -6.57 -8.33 26.17
C ASP D 39 -5.86 -8.91 24.96
N GLN D 40 -5.29 -10.10 25.12
CA GLN D 40 -4.57 -10.75 24.04
C GLN D 40 -5.50 -11.12 22.88
N GLN D 41 -6.67 -11.68 23.19
CA GLN D 41 -7.69 -11.95 22.17
C GLN D 41 -8.05 -10.68 21.40
N LEU D 42 -8.19 -9.57 22.11
CA LEU D 42 -8.48 -8.28 21.48
C LEU D 42 -7.34 -7.89 20.53
N LYS D 43 -6.10 -8.02 21.00
CA LYS D 43 -4.94 -7.68 20.16
C LYS D 43 -4.90 -8.55 18.90
N ASN D 44 -5.20 -9.83 19.04
CA ASN D 44 -5.19 -10.76 17.92
C ASN D 44 -6.36 -10.50 16.97
N MET D 45 -7.56 -10.47 17.51
CA MET D 45 -8.76 -10.32 16.69
C MET D 45 -8.84 -8.96 15.99
N SER D 46 -8.28 -7.92 16.60
CA SER D 46 -8.30 -6.59 16.00
C SER D 46 -7.28 -6.46 14.85
N GLY D 47 -6.41 -7.46 14.71
CA GLY D 47 -5.34 -7.42 13.71
C GLY D 47 -4.13 -6.64 14.20
N GLN D 48 -4.16 -6.22 15.46
CA GLN D 48 -3.12 -5.38 16.06
C GLN D 48 -1.76 -6.10 16.19
N TRP D 49 -1.80 -7.43 16.11
CA TRP D 49 -0.57 -8.23 16.13
C TRP D 49 0.30 -8.07 14.87
N PHE D 50 -0.27 -7.53 13.79
CA PHE D 50 0.36 -7.60 12.46
C PHE D 50 1.46 -6.61 11.96
N TYR D 51 1.54 -5.32 12.32
CA TYR D 51 1.01 -4.62 13.50
C TYR D 51 1.36 -5.33 14.81
PG GNP E . 2.40 15.46 -12.99
O1G GNP E . 1.28 15.08 -12.07
O2G GNP E . 2.09 15.29 -14.46
O3G GNP E . 3.64 14.76 -12.50
N3B GNP E . 2.73 17.02 -12.85
PB GNP E . 3.07 17.81 -11.52
O1B GNP E . 1.85 18.22 -10.77
O2B GNP E . 4.12 17.09 -10.79
O3A GNP E . 3.67 19.15 -12.01
PA GNP E . 5.16 19.59 -12.05
O1A GNP E . 5.67 19.81 -10.66
O2A GNP E . 5.92 18.74 -12.98
O5' GNP E . 5.14 21.05 -12.69
C5' GNP E . 4.53 21.29 -13.96
C4' GNP E . 5.12 22.51 -14.67
O4' GNP E . 4.77 23.71 -13.95
C3' GNP E . 6.65 22.55 -14.78
O3' GNP E . 7.04 23.18 -16.01
C2' GNP E . 7.07 23.36 -13.56
O2' GNP E . 8.28 24.07 -13.76
C1' GNP E . 5.92 24.36 -13.45
N9 GNP E . 5.62 24.83 -12.10
C8 GNP E . 5.27 24.07 -11.00
N7 GNP E . 5.04 24.78 -9.94
C5 GNP E . 5.25 26.10 -10.34
C6 GNP E . 5.12 27.31 -9.61
O6 GNP E . 4.82 27.44 -8.42
N1 GNP E . 5.43 28.43 -10.40
C2 GNP E . 5.77 28.36 -11.73
N2 GNP E . 6.04 29.52 -12.36
N3 GNP E . 5.88 27.23 -12.43
C4 GNP E . 5.61 26.14 -11.66
MG MG F . 4.95 15.21 -11.05
PG GNP G . -2.09 -14.35 -14.79
O1G GNP G . -0.98 -14.03 -13.82
O2G GNP G . -1.78 -13.94 -16.22
O3G GNP G . -3.35 -13.71 -14.31
N3B GNP G . -2.31 -15.94 -14.87
PB GNP G . -2.73 -16.96 -13.73
O1B GNP G . -1.58 -17.50 -12.97
O2B GNP G . -3.80 -16.33 -12.95
O3A GNP G . -3.27 -18.21 -14.49
PA GNP G . -4.72 -18.67 -14.72
O1A GNP G . -5.34 -19.13 -13.45
O2A GNP G . -5.47 -17.65 -15.50
O5' GNP G . -4.59 -19.99 -15.58
C5' GNP G . -3.89 -20.00 -16.82
C4' GNP G . -4.37 -21.12 -17.71
O4' GNP G . -3.97 -22.39 -17.14
C3' GNP G . -5.88 -21.20 -17.89
O3' GNP G . -6.18 -21.50 -19.23
C2' GNP G . -6.34 -22.29 -16.92
O2' GNP G . -7.48 -23.03 -17.33
C1' GNP G . -5.11 -23.19 -16.89
N9 GNP G . -4.89 -23.86 -15.63
C8 GNP G . -4.68 -23.28 -14.40
N7 GNP G . -4.50 -24.15 -13.45
C5 GNP G . -4.56 -25.37 -14.09
C6 GNP G . -4.42 -26.69 -13.57
O6 GNP G . -4.20 -27.01 -12.40
N1 GNP G . -4.57 -27.66 -14.55
C2 GNP G . -4.79 -27.41 -15.89
N2 GNP G . -4.90 -28.50 -16.67
N3 GNP G . -4.94 -26.18 -16.39
C4 GNP G . -4.81 -25.22 -15.44
MG MG H . -4.68 -14.51 -12.95
#